data_9KOO
#
_entry.id   9KOO
#
_cell.length_a   70.972
_cell.length_b   76.166
_cell.length_c   117.802
_cell.angle_alpha   90.00
_cell.angle_beta   90.00
_cell.angle_gamma   90.00
#
_symmetry.space_group_name_H-M   'P 21 21 21'
#
loop_
_entity.id
_entity.type
_entity.pdbx_description
1 polymer 'Methyl-accepting chemotaxis protein PctA'
2 non-polymer 4-hydroxy-5-methylfuran-3(2H)-one
3 water water
#
_entity_poly.entity_id   1
_entity_poly.type   'polypeptide(L)'
_entity_poly.pdbx_seq_one_letter_code
;HHHHHHSSGLVPRGSHMASMTGGQQMGRGNDYLQRNAIREDLESYLREMGDVTSSNIQNWLGGRLLLVEQTAQTLARDHS
PETVSALLEQPALTSTFSFTYLGQQDGVFTMRPDSPMPAGYDPRSRPWYKDAVAAGGLTLTEPYVDAATQELIITAATPV
KAAGNTLGVVGGDLSLKTLVQIINSLDFSGMGYAFLVSGDGKILVHPDKEQVMKTLSEVYPQNTPKIATGFSEAELHGHT
RILAFTPIKGLPSVTWYLALSIDKDKAYAMLSKFRVSA
;
_entity_poly.pdbx_strand_id   A,B
#
# COMPACT_ATOMS: atom_id res chain seq x y z
N ASN A 30 34.97 -28.63 0.40
CA ASN A 30 35.30 -28.59 1.82
C ASN A 30 34.32 -27.73 2.60
N ASP A 31 34.39 -27.82 3.93
CA ASP A 31 33.38 -27.15 4.74
C ASP A 31 33.38 -25.64 4.54
N TYR A 32 34.53 -25.06 4.18
CA TYR A 32 34.59 -23.61 3.99
C TYR A 32 33.83 -23.18 2.74
N LEU A 33 34.12 -23.83 1.61
CA LEU A 33 33.45 -23.45 0.37
C LEU A 33 31.96 -23.83 0.37
N GLN A 34 31.60 -24.96 0.98
CA GLN A 34 30.18 -25.31 1.07
C GLN A 34 29.42 -24.29 1.91
N ARG A 35 29.93 -23.99 3.11
CA ARG A 35 29.21 -23.10 4.00
C ARG A 35 29.15 -21.69 3.43
N ASN A 36 30.02 -21.33 2.50
CA ASN A 36 30.01 -19.99 1.86
C ASN A 36 28.97 -19.95 0.75
N ALA A 37 28.75 -21.06 0.10
CA ALA A 37 27.75 -21.18 -0.96
C ALA A 37 26.35 -21.15 -0.34
N ILE A 38 26.16 -21.75 0.83
CA ILE A 38 24.86 -21.76 1.53
C ILE A 38 24.60 -20.38 2.12
N ARG A 39 25.58 -19.80 2.78
CA ARG A 39 25.44 -18.44 3.28
C ARG A 39 25.09 -17.47 2.16
N GLU A 40 25.80 -17.58 1.03
CA GLU A 40 25.55 -16.66 -0.08
C GLU A 40 24.18 -16.89 -0.69
N ASP A 41 23.78 -18.16 -0.84
CA ASP A 41 22.42 -18.48 -1.29
C ASP A 41 21.38 -17.92 -0.33
N LEU A 42 21.58 -18.17 0.97
CA LEU A 42 20.60 -17.70 1.95
C LEU A 42 20.55 -16.18 1.98
N GLU A 43 21.71 -15.53 1.92
CA GLU A 43 21.72 -14.07 1.92
C GLU A 43 20.97 -13.51 0.73
N SER A 44 21.02 -14.21 -0.40
CA SER A 44 20.30 -13.77 -1.58
C SER A 44 18.80 -13.83 -1.34
N TYR A 45 18.33 -14.96 -0.82
CA TYR A 45 16.93 -15.10 -0.49
C TYR A 45 16.48 -14.04 0.51
N LEU A 46 17.26 -13.86 1.58
CA LEU A 46 16.94 -12.82 2.57
C LEU A 46 16.85 -11.45 1.92
N ARG A 47 17.79 -11.13 1.02
CA ARG A 47 17.81 -9.78 0.45
C ARG A 47 16.57 -9.53 -0.40
N GLU A 48 16.05 -10.55 -1.06
CA GLU A 48 14.87 -10.29 -1.84
C GLU A 48 13.58 -10.44 -1.02
N MET A 49 13.62 -11.18 0.10
CA MET A 49 12.50 -11.14 1.04
C MET A 49 12.39 -9.77 1.68
N GLY A 50 13.52 -9.21 2.08
CA GLY A 50 13.54 -7.88 2.66
C GLY A 50 13.12 -6.79 1.70
N ASP A 51 13.49 -6.91 0.42
CA ASP A 51 13.13 -5.87 -0.54
C ASP A 51 11.62 -5.79 -0.69
N VAL A 52 10.96 -6.92 -0.82
CA VAL A 52 9.53 -6.89 -1.12
C VAL A 52 8.73 -6.59 0.13
N THR A 53 9.13 -7.17 1.27
CA THR A 53 8.50 -6.80 2.54
C THR A 53 8.70 -5.32 2.82
N SER A 54 9.89 -4.80 2.53
CA SER A 54 10.13 -3.38 2.72
C SER A 54 9.22 -2.53 1.83
N SER A 55 9.03 -2.92 0.56
CA SER A 55 8.05 -2.25 -0.31
C SER A 55 6.63 -2.33 0.26
N ASN A 56 6.25 -3.48 0.80
CA ASN A 56 4.87 -3.66 1.22
C ASN A 56 4.53 -2.70 2.37
N ILE A 57 5.40 -2.60 3.38
CA ILE A 57 5.10 -1.65 4.45
C ILE A 57 5.24 -0.21 3.96
N GLN A 58 6.16 0.05 3.04
CA GLN A 58 6.23 1.38 2.47
C GLN A 58 4.90 1.77 1.83
N ASN A 59 4.35 0.89 0.99
CA ASN A 59 3.10 1.22 0.31
C ASN A 59 1.97 1.37 1.31
N TRP A 60 1.85 0.41 2.22
CA TRP A 60 0.85 0.54 3.26
C TRP A 60 0.99 1.87 4.01
N LEU A 61 2.22 2.26 4.36
CA LEU A 61 2.37 3.53 5.08
C LEU A 61 2.08 4.71 4.17
N GLY A 62 2.64 4.68 2.94
CA GLY A 62 2.34 5.73 1.98
C GLY A 62 0.84 5.98 1.85
N GLY A 63 0.02 4.96 1.88
CA GLY A 63 -1.44 5.15 1.70
C GLY A 63 -2.09 5.91 2.82
N ARG A 64 -1.66 5.67 4.05
CA ARG A 64 -2.20 6.37 5.24
C ARG A 64 -1.68 7.81 5.29
N LEU A 65 -0.45 8.05 4.83
CA LEU A 65 0.16 9.41 4.79
C LEU A 65 -0.51 10.31 3.74
N LEU A 66 -0.98 9.74 2.65
CA LEU A 66 -1.66 10.48 1.57
C LEU A 66 -3.11 10.78 1.93
N LEU A 67 -3.71 10.02 2.85
CA LEU A 67 -5.08 10.20 3.32
C LEU A 67 -5.10 11.32 4.36
N VAL A 68 -4.00 11.51 5.05
CA VAL A 68 -3.89 12.58 6.07
C VAL A 68 -3.61 13.87 5.32
N GLU A 69 -2.89 13.80 4.21
CA GLU A 69 -2.55 14.95 3.36
C GLU A 69 -3.75 15.47 2.60
N GLN A 70 -4.64 14.60 2.15
CA GLN A 70 -5.88 14.99 1.45
C GLN A 70 -6.81 15.64 2.45
N THR A 71 -6.85 15.11 3.67
CA THR A 71 -7.73 15.62 4.74
C THR A 71 -7.26 17.02 5.13
N ALA A 72 -5.96 17.25 5.17
CA ALA A 72 -5.41 18.57 5.52
C ALA A 72 -5.57 19.58 4.39
N GLN A 73 -5.42 19.16 3.14
CA GLN A 73 -5.54 20.07 1.98
C GLN A 73 -7.01 20.42 1.84
N THR A 74 -7.89 19.48 2.13
CA THR A 74 -9.31 19.81 2.15
C THR A 74 -9.64 20.80 3.27
N LEU A 75 -9.13 20.56 4.47
CA LEU A 75 -9.40 21.47 5.58
C LEU A 75 -8.83 22.86 5.35
N ALA A 76 -7.68 22.95 4.65
CA ALA A 76 -7.09 24.26 4.39
C ALA A 76 -8.07 25.16 3.64
N ARG A 77 -8.91 24.58 2.81
CA ARG A 77 -9.87 25.35 2.03
C ARG A 77 -11.12 25.69 2.84
N ASP A 78 -11.43 24.97 3.91
CA ASP A 78 -12.59 25.25 4.73
C ASP A 78 -12.48 24.50 6.06
N HIS A 79 -12.29 25.23 7.16
CA HIS A 79 -12.10 24.60 8.46
C HIS A 79 -13.17 25.05 9.48
N SER A 80 -14.40 25.24 9.04
CA SER A 80 -15.48 25.49 9.96
C SER A 80 -15.80 24.24 10.78
N PRO A 81 -16.50 24.40 11.91
CA PRO A 81 -16.77 23.25 12.78
C PRO A 81 -17.68 22.18 12.15
N GLU A 82 -18.63 22.60 11.31
CA GLU A 82 -19.44 21.62 10.62
C GLU A 82 -18.55 20.74 9.74
N THR A 83 -17.88 21.39 8.83
CA THR A 83 -17.04 20.74 7.84
C THR A 83 -16.02 19.84 8.51
N VAL A 84 -15.35 20.35 9.54
CA VAL A 84 -14.36 19.55 10.25
C VAL A 84 -15.01 18.30 10.81
N SER A 85 -16.12 18.46 11.52
CA SER A 85 -16.82 17.31 12.09
C SER A 85 -17.22 16.30 11.00
N ALA A 86 -17.89 16.77 9.95
CA ALA A 86 -18.32 15.89 8.87
C ALA A 86 -17.15 15.19 8.21
N LEU A 87 -16.07 15.93 7.93
CA LEU A 87 -14.93 15.32 7.27
C LEU A 87 -14.35 14.19 8.10
N LEU A 88 -14.12 14.43 9.40
CA LEU A 88 -13.45 13.41 10.20
C LEU A 88 -14.33 12.19 10.43
N GLU A 89 -15.62 12.31 10.18
CA GLU A 89 -16.54 11.21 10.36
C GLU A 89 -16.66 10.35 9.11
N GLN A 90 -16.03 10.75 8.02
CA GLN A 90 -16.17 10.05 6.75
C GLN A 90 -15.59 8.64 6.89
N PRO A 91 -16.30 7.62 6.39
CA PRO A 91 -15.89 6.23 6.66
C PRO A 91 -14.48 5.88 6.22
N ALA A 92 -13.97 6.51 5.15
CA ALA A 92 -12.60 6.22 4.73
C ALA A 92 -11.60 6.51 5.84
N LEU A 93 -11.83 7.58 6.60
CA LEU A 93 -10.96 7.88 7.74
C LEU A 93 -11.25 6.95 8.92
N THR A 94 -12.51 6.79 9.30
CA THR A 94 -12.78 6.09 10.55
C THR A 94 -12.45 4.60 10.47
N SER A 95 -12.42 4.03 9.28
CA SER A 95 -12.08 2.61 9.17
C SER A 95 -10.60 2.39 8.92
N THR A 96 -9.82 3.43 8.67
CA THR A 96 -8.36 3.32 8.43
C THR A 96 -7.59 3.66 9.72
N PHE A 97 -8.07 4.62 10.47
CA PHE A 97 -7.35 5.08 11.66
C PHE A 97 -8.21 4.85 12.89
N SER A 98 -7.59 4.71 14.04
CA SER A 98 -8.32 4.58 15.32
C SER A 98 -9.03 5.88 15.54
N PHE A 99 -8.35 6.96 15.23
CA PHE A 99 -8.87 8.30 15.48
C PHE A 99 -8.21 9.23 14.49
N THR A 100 -8.95 10.22 14.07
CA THR A 100 -8.45 11.22 13.16
C THR A 100 -8.82 12.56 13.78
N TYR A 101 -7.93 13.53 13.70
CA TYR A 101 -8.20 14.73 14.49
C TYR A 101 -7.50 15.91 13.85
N LEU A 102 -8.01 17.10 14.18
CA LEU A 102 -7.41 18.39 13.85
C LEU A 102 -7.03 19.12 15.13
N GLY A 103 -5.74 19.42 15.28
CA GLY A 103 -5.28 20.35 16.29
C GLY A 103 -4.96 21.67 15.63
N GLN A 104 -5.45 22.75 16.22
CA GLN A 104 -5.29 24.06 15.61
C GLN A 104 -4.27 24.89 16.36
N GLN A 105 -3.65 25.81 15.63
CA GLN A 105 -2.70 26.74 16.22
C GLN A 105 -3.22 27.35 17.53
N ASP A 106 -4.51 27.66 17.61
CA ASP A 106 -4.99 28.21 18.88
C ASP A 106 -5.30 27.14 19.91
N GLY A 107 -4.96 25.88 19.66
CA GLY A 107 -5.09 24.83 20.64
C GLY A 107 -6.41 24.09 20.62
N VAL A 108 -7.38 24.56 19.83
CA VAL A 108 -8.67 23.87 19.72
C VAL A 108 -8.47 22.50 19.06
N PHE A 109 -9.20 21.50 19.58
CA PHE A 109 -9.01 20.10 19.19
C PHE A 109 -10.34 19.43 18.82
N THR A 110 -10.36 18.74 17.69
CA THR A 110 -11.57 18.02 17.20
C THR A 110 -11.14 16.60 16.83
N MET A 111 -11.70 15.60 17.49
CA MET A 111 -11.37 14.19 17.18
C MET A 111 -12.62 13.36 16.88
N ARG A 112 -12.51 12.45 15.93
CA ARG A 112 -13.58 11.47 15.60
C ARG A 112 -12.85 10.15 15.27
N PRO A 113 -13.30 8.98 15.72
CA PRO A 113 -14.40 8.86 16.70
C PRO A 113 -14.24 9.66 18.00
N ASP A 114 -15.33 9.91 18.71
CA ASP A 114 -15.31 10.70 19.96
C ASP A 114 -14.66 9.93 21.11
N SER A 115 -14.05 10.66 22.02
CA SER A 115 -13.31 10.03 23.13
C SER A 115 -13.40 10.86 24.39
N PRO A 116 -13.47 10.20 25.56
CA PRO A 116 -13.34 10.91 26.80
C PRO A 116 -11.96 11.58 26.78
N MET A 117 -11.82 12.87 27.11
CA MET A 117 -10.49 13.43 26.94
C MET A 117 -9.83 13.79 28.29
N PRO A 118 -8.51 13.63 28.38
CA PRO A 118 -7.81 13.95 29.64
C PRO A 118 -7.75 15.45 29.89
N ALA A 119 -7.61 15.81 31.17
CA ALA A 119 -7.54 17.20 31.56
C ALA A 119 -6.21 17.82 31.15
N GLY A 120 -6.24 19.13 30.89
CA GLY A 120 -5.06 19.85 30.48
C GLY A 120 -4.59 19.63 29.05
N TYR A 121 -5.20 18.70 28.32
CA TYR A 121 -4.75 18.37 26.97
C TYR A 121 -4.54 19.62 26.11
N ASP A 122 -3.38 19.69 25.47
CA ASP A 122 -3.11 20.71 24.47
C ASP A 122 -2.55 19.97 23.27
N PRO A 123 -3.21 20.00 22.12
CA PRO A 123 -2.67 19.29 20.94
C PRO A 123 -1.27 19.74 20.55
N ARG A 124 -0.99 21.04 20.70
CA ARG A 124 0.29 21.62 20.29
C ARG A 124 1.47 21.13 21.12
N SER A 125 1.23 20.45 22.23
CA SER A 125 2.34 19.89 23.01
C SER A 125 2.66 18.46 22.62
N ARG A 126 1.91 17.88 21.68
CA ARG A 126 2.02 16.44 21.50
C ARG A 126 3.08 16.09 20.45
N PRO A 127 3.63 14.88 20.53
CA PRO A 127 4.67 14.48 19.56
C PRO A 127 4.25 14.65 18.11
N TRP A 128 3.04 14.17 17.75
CA TRP A 128 2.58 14.27 16.37
C TRP A 128 2.53 15.70 15.88
N TYR A 129 2.13 16.64 16.74
CA TYR A 129 1.98 18.04 16.32
C TYR A 129 3.32 18.71 16.14
N LYS A 130 4.26 18.42 17.05
CA LYS A 130 5.58 19.05 16.97
C LYS A 130 6.38 18.48 15.81
N ASP A 131 6.37 17.15 15.66
CA ASP A 131 7.05 16.48 14.53
C ASP A 131 6.61 17.09 13.21
N ALA A 132 5.30 17.17 13.00
CA ALA A 132 4.80 17.64 11.72
C ALA A 132 5.28 19.05 11.43
N VAL A 133 5.21 19.93 12.42
CA VAL A 133 5.58 21.32 12.18
C VAL A 133 7.09 21.44 12.02
N ALA A 134 7.85 20.68 12.82
CA ALA A 134 9.28 20.50 12.59
C ALA A 134 9.59 19.86 11.24
N ALA A 135 8.63 19.17 10.64
CA ALA A 135 8.93 18.50 9.38
C ALA A 135 8.58 19.36 8.17
N GLY A 136 7.62 20.26 8.30
CA GLY A 136 7.21 21.03 7.15
C GLY A 136 6.28 20.30 6.20
N GLY A 137 5.82 19.12 6.59
CA GLY A 137 4.95 18.34 5.74
C GLY A 137 4.63 17.04 6.42
N LEU A 138 4.13 16.06 5.66
CA LEU A 138 3.66 14.85 6.29
C LEU A 138 4.84 14.05 6.86
N THR A 139 4.64 13.52 8.07
CA THR A 139 5.62 12.64 8.71
C THR A 139 4.93 11.54 9.50
N LEU A 140 5.75 10.72 10.14
CA LEU A 140 5.35 9.60 10.98
C LEU A 140 6.03 9.73 12.31
N THR A 141 5.30 9.50 13.39
CA THR A 141 5.96 9.55 14.69
C THR A 141 6.54 8.19 15.02
N GLU A 142 7.56 8.18 15.87
CA GLU A 142 7.88 6.94 16.56
C GLU A 142 6.76 6.63 17.56
N PRO A 143 6.67 5.38 18.02
CA PRO A 143 5.68 5.08 19.07
C PRO A 143 5.82 6.04 20.24
N TYR A 144 4.68 6.58 20.68
CA TYR A 144 4.60 7.46 21.83
C TYR A 144 3.37 7.08 22.63
N VAL A 145 3.28 7.61 23.86
CA VAL A 145 2.21 7.22 24.76
C VAL A 145 0.98 8.07 24.49
N ASP A 146 -0.15 7.40 24.26
CA ASP A 146 -1.38 8.09 23.92
C ASP A 146 -1.89 8.87 25.12
N ALA A 147 -2.23 10.15 24.92
CA ALA A 147 -2.71 10.98 26.03
C ALA A 147 -3.96 10.38 26.66
N ALA A 148 -4.74 9.62 25.89
CA ALA A 148 -6.02 9.09 26.33
C ALA A 148 -5.92 7.69 26.91
N THR A 149 -5.32 6.76 26.18
CA THR A 149 -5.29 5.36 26.56
C THR A 149 -4.00 4.96 27.27
N GLN A 150 -3.13 5.92 27.55
CA GLN A 150 -1.78 5.64 28.03
C GLN A 150 -1.08 4.49 27.28
N GLU A 151 -1.37 4.29 25.99
CA GLU A 151 -0.78 3.14 25.36
C GLU A 151 0.09 3.63 24.20
N LEU A 152 0.96 2.75 23.69
CA LEU A 152 1.84 3.12 22.55
C LEU A 152 1.06 3.11 21.24
N ILE A 153 1.19 4.21 20.48
CA ILE A 153 0.67 4.33 19.13
C ILE A 153 1.67 5.05 18.22
N ILE A 154 1.39 4.95 16.93
CA ILE A 154 2.06 5.71 15.89
C ILE A 154 1.04 6.63 15.25
N THR A 155 1.44 7.83 14.89
CA THR A 155 0.53 8.81 14.26
C THR A 155 1.08 9.32 12.92
N ALA A 156 0.24 9.29 11.88
CA ALA A 156 0.58 9.91 10.58
C ALA A 156 0.05 11.34 10.67
N ALA A 157 0.85 12.31 10.29
CA ALA A 157 0.44 13.69 10.52
C ALA A 157 1.03 14.68 9.52
N THR A 158 0.32 15.76 9.29
CA THR A 158 0.76 16.79 8.34
C THR A 158 0.21 18.14 8.77
N PRO A 159 0.95 19.21 8.50
CA PRO A 159 0.43 20.53 8.76
C PRO A 159 -0.67 20.97 7.81
N VAL A 160 -1.63 21.72 8.33
CA VAL A 160 -2.69 22.30 7.51
C VAL A 160 -2.20 23.68 7.05
N LYS A 161 -1.84 23.81 5.77
CA LYS A 161 -1.22 25.02 5.26
C LYS A 161 -2.16 25.75 4.30
N ALA A 162 -2.49 27.00 4.63
CA ALA A 162 -3.31 27.87 3.80
C ALA A 162 -2.62 29.23 3.68
N ALA A 163 -2.16 29.57 2.48
CA ALA A 163 -1.53 30.87 2.23
C ALA A 163 -0.27 31.02 3.08
N GLY A 164 0.62 30.04 2.97
CA GLY A 164 1.90 30.07 3.66
C GLY A 164 1.79 29.75 5.14
N ASN A 165 0.65 30.09 5.75
CA ASN A 165 0.42 29.89 7.16
C ASN A 165 0.24 28.40 7.51
N THR A 166 0.35 28.11 8.81
CA THR A 166 0.04 26.81 9.37
C THR A 166 -1.16 26.99 10.29
N LEU A 167 -2.34 26.54 9.84
CA LEU A 167 -3.53 26.65 10.67
C LEU A 167 -3.60 25.60 11.76
N GLY A 168 -2.78 24.57 11.70
CA GLY A 168 -2.89 23.45 12.62
C GLY A 168 -2.25 22.21 12.01
N VAL A 169 -2.49 21.08 12.68
CA VAL A 169 -1.96 19.77 12.22
C VAL A 169 -3.06 18.72 12.22
N VAL A 170 -3.12 17.91 11.16
CA VAL A 170 -4.04 16.75 11.09
C VAL A 170 -3.24 15.51 11.54
N GLY A 171 -3.86 14.69 12.37
CA GLY A 171 -3.24 13.45 12.81
C GLY A 171 -4.11 12.25 12.62
N GLY A 172 -3.50 11.15 12.20
CA GLY A 172 -4.19 9.86 12.03
C GLY A 172 -3.48 8.81 12.85
N ASP A 173 -4.20 8.11 13.70
CA ASP A 173 -3.60 7.14 14.65
C ASP A 173 -3.54 5.71 14.12
N LEU A 174 -2.36 5.07 14.25
CA LEU A 174 -2.16 3.68 13.86
C LEU A 174 -1.73 2.83 15.05
N SER A 175 -2.35 1.67 15.16
CA SER A 175 -2.03 0.70 16.19
C SER A 175 -0.78 -0.06 15.82
N LEU A 176 0.05 -0.34 16.82
CA LEU A 176 1.29 -1.07 16.54
C LEU A 176 1.00 -2.49 16.09
N LYS A 177 0.01 -3.19 16.70
CA LYS A 177 -0.23 -4.57 16.25
C LYS A 177 -0.51 -4.58 14.76
N THR A 178 -1.16 -3.53 14.27
CA THR A 178 -1.43 -3.40 12.84
C THR A 178 -0.13 -3.47 12.03
N LEU A 179 0.85 -2.64 12.35
CA LEU A 179 2.10 -2.67 11.58
C LEU A 179 2.83 -3.99 11.75
N VAL A 180 2.76 -4.60 12.94
CA VAL A 180 3.42 -5.89 13.10
C VAL A 180 2.82 -6.90 12.12
N GLN A 181 1.49 -6.87 11.98
CA GLN A 181 0.85 -7.80 11.06
C GLN A 181 1.29 -7.56 9.62
N ILE A 182 1.24 -6.31 9.14
CA ILE A 182 1.63 -6.03 7.75
C ILE A 182 3.01 -6.63 7.44
N ILE A 183 4.01 -6.35 8.29
CA ILE A 183 5.36 -6.77 7.93
C ILE A 183 5.63 -8.24 8.22
N ASN A 184 4.71 -8.94 8.88
CA ASN A 184 4.84 -10.36 9.14
C ASN A 184 3.87 -11.20 8.31
N SER A 185 3.24 -10.62 7.28
CA SER A 185 2.33 -11.34 6.39
C SER A 185 2.84 -12.74 6.05
N LEU A 186 4.01 -12.79 5.42
CA LEU A 186 4.66 -14.05 5.09
C LEU A 186 5.56 -14.53 6.24
N ASP A 187 5.78 -15.85 6.28
CA ASP A 187 6.44 -16.53 7.38
C ASP A 187 7.93 -16.80 7.14
N PHE A 188 8.46 -16.42 5.98
CA PHE A 188 9.85 -16.71 5.60
C PHE A 188 10.20 -18.18 5.84
N SER A 189 9.29 -19.06 5.41
CA SER A 189 9.52 -20.50 5.45
C SER A 189 9.61 -21.03 6.89
N GLY A 190 8.91 -20.40 7.83
CA GLY A 190 9.08 -20.72 9.24
C GLY A 190 10.47 -20.41 9.79
N MET A 191 11.29 -19.71 9.00
CA MET A 191 12.68 -19.38 9.33
C MET A 191 12.79 -18.26 10.37
N GLY A 192 11.79 -17.38 10.50
CA GLY A 192 11.93 -16.22 11.35
C GLY A 192 10.80 -15.24 11.14
N TYR A 193 11.06 -13.97 11.52
CA TYR A 193 10.05 -12.94 11.65
C TYR A 193 10.68 -11.59 11.30
N ALA A 194 9.83 -10.55 11.22
CA ALA A 194 10.26 -9.20 10.88
C ALA A 194 9.86 -8.21 11.97
N PHE A 195 10.64 -7.11 12.04
CA PHE A 195 10.31 -5.98 12.91
C PHE A 195 10.83 -4.71 12.25
N LEU A 196 10.56 -3.56 12.88
CA LEU A 196 10.98 -2.26 12.39
C LEU A 196 11.88 -1.60 13.42
N VAL A 197 12.87 -0.86 12.96
CA VAL A 197 13.86 -0.25 13.84
C VAL A 197 14.29 1.09 13.23
N SER A 198 14.58 2.07 14.09
CA SER A 198 15.07 3.34 13.56
C SER A 198 16.54 3.22 13.15
N GLY A 199 16.99 4.20 12.37
CA GLY A 199 18.41 4.31 12.06
C GLY A 199 19.30 4.41 13.29
N ASP A 200 18.76 4.90 14.40
CA ASP A 200 19.50 4.99 15.65
C ASP A 200 19.35 3.74 16.49
N GLY A 201 18.74 2.69 15.95
CA GLY A 201 18.71 1.40 16.59
C GLY A 201 17.59 1.22 17.60
N LYS A 202 16.58 2.09 17.58
CA LYS A 202 15.41 1.95 18.45
C LYS A 202 14.39 1.04 17.77
N ILE A 203 14.16 -0.14 18.36
CA ILE A 203 13.15 -1.09 17.91
C ILE A 203 11.76 -0.46 18.06
N LEU A 204 11.11 -0.17 16.93
CA LEU A 204 9.84 0.55 16.92
C LEU A 204 8.62 -0.35 17.02
N VAL A 205 8.69 -1.51 16.38
CA VAL A 205 7.56 -2.42 16.20
C VAL A 205 8.12 -3.84 16.15
N HIS A 206 7.53 -4.76 16.93
CA HIS A 206 8.14 -6.08 17.14
C HIS A 206 7.13 -7.09 17.65
N PRO A 207 7.16 -8.34 17.17
CA PRO A 207 6.16 -9.31 17.65
C PRO A 207 6.20 -9.59 19.15
N ASP A 208 7.34 -9.40 19.79
CA ASP A 208 7.48 -9.58 21.23
C ASP A 208 7.38 -8.20 21.89
N LYS A 209 6.25 -7.93 22.54
CA LYS A 209 5.99 -6.63 23.18
C LYS A 209 7.16 -6.17 24.05
N GLU A 210 7.88 -7.10 24.69
CA GLU A 210 8.98 -6.71 25.56
C GLU A 210 10.06 -5.94 24.83
N GLN A 211 10.14 -6.05 23.50
CA GLN A 211 11.23 -5.44 22.75
C GLN A 211 10.91 -4.03 22.30
N VAL A 212 9.63 -3.70 22.21
CA VAL A 212 9.23 -2.40 21.66
C VAL A 212 9.89 -1.28 22.45
N MET A 213 10.55 -0.37 21.73
CA MET A 213 11.20 0.82 22.26
C MET A 213 12.49 0.52 23.01
N LYS A 214 12.95 -0.73 23.00
CA LYS A 214 14.31 -1.04 23.41
C LYS A 214 15.27 -0.86 22.24
N THR A 215 16.57 -0.84 22.56
CA THR A 215 17.61 -0.67 21.56
C THR A 215 18.21 -2.02 21.18
N LEU A 216 18.76 -2.09 19.96
CA LEU A 216 19.56 -3.26 19.60
C LEU A 216 20.68 -3.46 20.63
N SER A 217 21.18 -2.38 21.20
CA SER A 217 22.19 -2.50 22.25
C SER A 217 21.62 -3.19 23.49
N GLU A 218 20.37 -2.93 23.83
CA GLU A 218 19.82 -3.58 25.02
C GLU A 218 19.40 -5.00 24.75
N VAL A 219 18.98 -5.33 23.53
CA VAL A 219 18.51 -6.69 23.21
C VAL A 219 19.67 -7.61 22.84
N TYR A 220 20.67 -7.10 22.11
CA TYR A 220 21.87 -7.86 21.76
C TYR A 220 23.06 -7.10 22.34
N PRO A 221 23.30 -7.27 23.65
CA PRO A 221 24.35 -6.47 24.29
C PRO A 221 25.76 -6.89 23.89
N GLN A 222 25.98 -8.12 23.43
CA GLN A 222 27.33 -8.63 23.17
C GLN A 222 27.82 -8.25 21.77
N ASN A 223 27.29 -8.90 20.72
CA ASN A 223 27.64 -8.55 19.34
C ASN A 223 26.47 -7.78 18.75
N THR A 224 26.35 -6.53 19.14
CA THR A 224 25.20 -5.76 18.72
C THR A 224 25.18 -5.68 17.20
N PRO A 225 24.13 -6.17 16.54
CA PRO A 225 24.04 -6.04 15.08
C PRO A 225 24.17 -4.58 14.71
N LYS A 226 24.76 -4.33 13.55
CA LYS A 226 24.93 -2.99 13.04
C LYS A 226 24.07 -2.85 11.79
N ILE A 227 23.45 -1.70 11.63
CA ILE A 227 22.45 -1.58 10.60
C ILE A 227 23.11 -1.44 9.22
N ALA A 228 24.25 -0.77 9.17
CA ALA A 228 24.88 -0.50 7.87
C ALA A 228 25.43 -1.76 7.22
N THR A 229 25.82 -2.75 8.03
CA THR A 229 26.45 -3.98 7.54
C THR A 229 25.50 -4.88 6.74
N GLY A 230 24.19 -4.71 6.86
CA GLY A 230 23.28 -5.58 6.11
C GLY A 230 22.98 -6.98 6.65
N PHE A 231 24.01 -7.81 6.90
CA PHE A 231 23.85 -9.12 7.52
C PHE A 231 24.71 -9.22 8.77
N SER A 232 24.07 -9.48 9.91
CA SER A 232 24.75 -9.65 11.18
C SER A 232 24.35 -10.98 11.74
N GLU A 233 25.21 -11.53 12.59
CA GLU A 233 24.95 -12.77 13.31
C GLU A 233 24.89 -12.40 14.78
N ALA A 234 23.84 -12.86 15.47
CA ALA A 234 23.69 -12.50 16.88
C ALA A 234 22.90 -13.56 17.60
N GLU A 235 22.83 -13.43 18.92
CA GLU A 235 22.27 -14.45 19.79
C GLU A 235 21.18 -13.93 20.69
N LEU A 236 20.07 -14.68 20.73
CA LEU A 236 18.91 -14.32 21.51
C LEU A 236 18.19 -15.61 21.90
N HIS A 237 17.83 -15.71 23.19
CA HIS A 237 16.99 -16.80 23.69
C HIS A 237 17.61 -18.16 23.36
N GLY A 238 18.94 -18.24 23.42
CA GLY A 238 19.66 -19.50 23.27
C GLY A 238 19.84 -20.00 21.84
N HIS A 239 19.76 -19.14 20.85
CA HIS A 239 19.86 -19.54 19.45
C HIS A 239 20.56 -18.46 18.67
N THR A 240 21.23 -18.86 17.59
CA THR A 240 21.95 -17.92 16.76
C THR A 240 21.01 -17.42 15.68
N ARG A 241 20.82 -16.11 15.62
CA ARG A 241 19.96 -15.49 14.62
C ARG A 241 20.82 -14.78 13.59
N ILE A 242 20.28 -14.69 12.38
CA ILE A 242 20.83 -13.82 11.36
C ILE A 242 19.88 -12.63 11.22
N LEU A 243 20.44 -11.42 11.35
CA LEU A 243 19.68 -10.18 11.28
C LEU A 243 19.98 -9.51 9.95
N ALA A 244 18.94 -9.08 9.23
CA ALA A 244 19.10 -8.35 7.98
C ALA A 244 18.25 -7.08 7.99
N PHE A 245 18.80 -6.00 7.46
CA PHE A 245 18.16 -4.68 7.54
C PHE A 245 18.00 -4.10 6.15
N THR A 246 16.81 -3.58 5.87
CA THR A 246 16.49 -2.99 4.57
C THR A 246 15.87 -1.62 4.79
N PRO A 247 16.39 -0.58 4.13
CA PRO A 247 15.75 0.73 4.23
C PRO A 247 14.32 0.67 3.76
N ILE A 248 13.47 1.46 4.40
CA ILE A 248 12.13 1.75 3.90
C ILE A 248 12.18 3.10 3.19
N LYS A 249 11.82 3.11 1.91
CA LYS A 249 11.82 4.32 1.08
C LYS A 249 10.50 5.09 1.24
N GLY A 250 10.57 6.40 0.99
CA GLY A 250 9.36 7.21 0.95
C GLY A 250 8.60 7.35 2.26
N LEU A 251 9.32 7.46 3.36
CA LEU A 251 8.72 7.84 4.63
C LEU A 251 9.31 9.20 5.03
N PRO A 252 8.61 10.31 4.77
CA PRO A 252 9.20 11.63 5.01
C PRO A 252 9.65 11.83 6.45
N SER A 253 10.87 12.34 6.59
CA SER A 253 11.47 12.73 7.86
C SER A 253 11.81 11.57 8.79
N VAL A 254 11.71 10.32 8.36
CA VAL A 254 12.10 9.22 9.23
C VAL A 254 13.04 8.29 8.46
N THR A 255 13.93 7.66 9.21
CA THR A 255 14.88 6.67 8.71
C THR A 255 14.60 5.35 9.43
N TRP A 256 13.63 4.60 8.94
CA TRP A 256 13.32 3.30 9.53
C TRP A 256 13.83 2.20 8.63
N TYR A 257 14.27 1.10 9.23
CA TYR A 257 14.65 -0.08 8.49
C TYR A 257 13.67 -1.20 8.79
N LEU A 258 13.45 -2.04 7.79
CA LEU A 258 12.85 -3.35 8.03
C LEU A 258 13.94 -4.29 8.50
N ALA A 259 13.66 -5.06 9.54
CA ALA A 259 14.60 -6.02 10.09
C ALA A 259 14.00 -7.41 9.99
N LEU A 260 14.76 -8.34 9.40
CA LEU A 260 14.46 -9.76 9.48
C LEU A 260 15.40 -10.43 10.46
N SER A 261 14.85 -11.36 11.25
CA SER A 261 15.60 -12.17 12.20
C SER A 261 15.36 -13.64 11.84
N ILE A 262 16.41 -14.31 11.38
CA ILE A 262 16.32 -15.68 10.90
C ILE A 262 17.05 -16.58 11.88
N ASP A 263 16.43 -17.72 12.20
CA ASP A 263 17.11 -18.78 12.94
C ASP A 263 18.18 -19.39 12.03
N LYS A 264 19.45 -19.13 12.34
CA LYS A 264 20.55 -19.54 11.48
C LYS A 264 20.53 -21.05 11.24
N ASP A 265 20.56 -21.85 12.32
CA ASP A 265 20.55 -23.31 12.21
C ASP A 265 19.45 -23.80 11.27
N LYS A 266 18.20 -23.47 11.56
CA LYS A 266 17.10 -23.92 10.68
C LYS A 266 17.30 -23.47 9.24
N ALA A 267 17.72 -22.24 9.03
CA ALA A 267 17.90 -21.69 7.67
C ALA A 267 18.95 -22.47 6.89
N TYR A 268 20.05 -22.79 7.54
CA TYR A 268 21.16 -23.47 6.85
C TYR A 268 20.76 -24.89 6.53
N ALA A 269 20.03 -25.51 7.45
CA ALA A 269 19.64 -26.93 7.43
C ALA A 269 18.77 -27.27 6.24
N ARG B 39 11.64 -29.47 -6.33
CA ARG B 39 10.24 -29.44 -6.76
C ARG B 39 9.26 -29.20 -5.64
N GLU B 40 9.79 -29.25 -4.43
CA GLU B 40 8.94 -29.02 -3.26
C GLU B 40 9.40 -27.70 -2.66
N ASP B 41 10.64 -27.66 -2.20
CA ASP B 41 11.20 -26.38 -1.69
C ASP B 41 10.94 -25.29 -2.74
N LEU B 42 10.82 -25.68 -4.01
CA LEU B 42 10.49 -24.76 -5.11
C LEU B 42 9.10 -24.16 -4.86
N GLU B 43 8.09 -25.01 -4.83
CA GLU B 43 6.69 -24.57 -4.65
C GLU B 43 6.56 -23.96 -3.26
N SER B 44 7.60 -24.07 -2.44
CA SER B 44 7.56 -23.39 -1.13
C SER B 44 7.91 -21.92 -1.34
N TYR B 45 8.77 -21.64 -2.30
CA TYR B 45 9.23 -20.25 -2.55
C TYR B 45 8.30 -19.67 -3.61
N LEU B 46 8.00 -20.46 -4.67
CA LEU B 46 7.00 -19.90 -5.57
C LEU B 46 5.79 -19.34 -4.83
N ARG B 47 5.02 -20.22 -4.18
CA ARG B 47 3.85 -19.82 -3.38
C ARG B 47 4.16 -18.58 -2.55
N GLU B 48 5.35 -18.50 -1.94
CA GLU B 48 5.61 -17.38 -0.96
C GLU B 48 5.91 -16.09 -1.71
N MET B 49 6.43 -16.20 -2.93
CA MET B 49 6.58 -14.98 -3.73
C MET B 49 5.19 -14.42 -3.94
N GLY B 50 4.38 -15.14 -4.72
CA GLY B 50 3.00 -14.72 -4.96
C GLY B 50 2.34 -14.22 -3.71
N ASP B 51 2.71 -14.76 -2.57
CA ASP B 51 2.01 -14.38 -1.31
C ASP B 51 2.31 -12.92 -0.97
N VAL B 52 3.58 -12.57 -0.89
CA VAL B 52 3.90 -11.19 -0.52
C VAL B 52 3.80 -10.25 -1.72
N THR B 53 4.17 -10.76 -2.91
CA THR B 53 3.94 -10.03 -4.16
C THR B 53 2.47 -9.63 -4.32
N SER B 54 1.57 -10.60 -4.16
CA SER B 54 0.15 -10.28 -4.17
C SER B 54 -0.17 -9.19 -3.15
N SER B 55 0.38 -9.29 -1.93
CA SER B 55 0.14 -8.25 -0.92
C SER B 55 0.75 -6.91 -1.31
N ASN B 56 1.92 -6.92 -1.96
CA ASN B 56 2.48 -5.67 -2.45
C ASN B 56 1.49 -4.97 -3.37
N ILE B 57 1.10 -5.64 -4.46
CA ILE B 57 0.13 -5.04 -5.37
C ILE B 57 -1.17 -4.76 -4.63
N GLN B 58 -1.50 -5.58 -3.63
CA GLN B 58 -2.70 -5.29 -2.84
C GLN B 58 -2.59 -3.95 -2.12
N ASN B 59 -1.43 -3.69 -1.52
CA ASN B 59 -1.27 -2.51 -0.67
C ASN B 59 -0.93 -1.25 -1.45
N TRP B 60 -0.21 -1.38 -2.57
CA TRP B 60 -0.15 -0.30 -3.55
C TRP B 60 -1.55 0.16 -3.94
N LEU B 61 -2.43 -0.78 -4.29
CA LEU B 61 -3.75 -0.38 -4.73
C LEU B 61 -4.55 0.22 -3.60
N GLY B 62 -4.39 -0.33 -2.38
CA GLY B 62 -5.26 0.04 -1.28
C GLY B 62 -5.22 1.52 -0.97
N GLY B 63 -4.03 2.10 -0.97
CA GLY B 63 -3.91 3.54 -0.83
C GLY B 63 -4.71 4.32 -1.86
N ARG B 64 -4.58 3.95 -3.14
CA ARG B 64 -5.31 4.66 -4.18
C ARG B 64 -6.82 4.51 -4.01
N LEU B 65 -7.28 3.31 -3.65
CA LEU B 65 -8.72 3.16 -3.41
C LEU B 65 -9.20 4.07 -2.28
N LEU B 66 -8.43 4.17 -1.19
CA LEU B 66 -8.88 5.03 -0.11
C LEU B 66 -9.03 6.46 -0.58
N LEU B 67 -8.08 6.93 -1.41
CA LEU B 67 -8.15 8.31 -1.90
C LEU B 67 -9.38 8.53 -2.76
N VAL B 68 -9.73 7.55 -3.59
CA VAL B 68 -10.93 7.68 -4.41
C VAL B 68 -12.16 7.72 -3.52
N GLU B 69 -12.25 6.84 -2.56
CA GLU B 69 -13.39 6.81 -1.60
C GLU B 69 -13.47 8.08 -0.77
N GLN B 70 -12.33 8.58 -0.29
CA GLN B 70 -12.37 9.81 0.49
C GLN B 70 -12.84 10.99 -0.35
N THR B 71 -12.36 11.08 -1.60
CA THR B 71 -12.83 12.13 -2.49
C THR B 71 -14.34 12.04 -2.72
N ALA B 72 -14.86 10.84 -2.99
CA ALA B 72 -16.31 10.70 -3.16
C ALA B 72 -17.07 11.09 -1.91
N GLN B 73 -16.57 10.72 -0.73
CA GLN B 73 -17.29 11.04 0.51
C GLN B 73 -17.30 12.53 0.76
N THR B 74 -16.23 13.23 0.39
CA THR B 74 -16.23 14.69 0.45
C THR B 74 -17.22 15.27 -0.54
N LEU B 75 -17.18 14.82 -1.79
CA LEU B 75 -18.08 15.35 -2.81
C LEU B 75 -19.55 15.11 -2.48
N ALA B 76 -19.85 14.09 -1.67
CA ALA B 76 -21.22 13.86 -1.24
C ALA B 76 -21.77 15.05 -0.47
N ARG B 77 -20.95 15.67 0.37
CA ARG B 77 -21.43 16.77 1.21
C ARG B 77 -21.40 18.09 0.47
N ASP B 78 -20.37 18.31 -0.36
CA ASP B 78 -20.16 19.55 -1.10
C ASP B 78 -19.65 19.17 -2.48
N HIS B 79 -20.44 19.45 -3.51
CA HIS B 79 -20.04 19.12 -4.87
C HIS B 79 -20.20 20.30 -5.80
N SER B 80 -20.18 21.50 -5.26
CA SER B 80 -20.11 22.72 -6.05
C SER B 80 -18.88 22.71 -6.97
N PRO B 81 -18.93 23.45 -8.07
CA PRO B 81 -17.86 23.36 -9.09
C PRO B 81 -16.48 23.75 -8.56
N GLU B 82 -16.41 24.78 -7.72
CA GLU B 82 -15.10 25.21 -7.23
C GLU B 82 -14.56 24.25 -6.17
N THR B 83 -15.44 23.72 -5.32
CA THR B 83 -15.03 22.58 -4.51
C THR B 83 -14.45 21.48 -5.38
N VAL B 84 -15.18 21.09 -6.44
CA VAL B 84 -14.77 19.95 -7.26
C VAL B 84 -13.38 20.18 -7.84
N SER B 85 -13.15 21.37 -8.42
CA SER B 85 -11.85 21.64 -9.04
C SER B 85 -10.76 21.76 -7.98
N ALA B 86 -10.99 22.56 -6.95
CA ALA B 86 -10.04 22.58 -5.84
C ALA B 86 -9.70 21.14 -5.42
N LEU B 87 -10.73 20.36 -5.09
CA LEU B 87 -10.51 18.99 -4.61
C LEU B 87 -9.64 18.19 -5.56
N LEU B 88 -9.92 18.22 -6.86
CA LEU B 88 -9.20 17.34 -7.78
C LEU B 88 -7.84 17.90 -8.16
N GLU B 89 -7.60 19.18 -7.88
CA GLU B 89 -6.28 19.77 -8.06
C GLU B 89 -5.32 19.36 -6.95
N GLN B 90 -5.86 18.85 -5.83
CA GLN B 90 -5.03 18.57 -4.67
C GLN B 90 -3.93 17.56 -5.01
N PRO B 91 -2.68 17.82 -4.57
CA PRO B 91 -1.54 17.04 -5.05
C PRO B 91 -1.62 15.58 -4.73
N ALA B 92 -2.27 15.23 -3.61
CA ALA B 92 -2.44 13.82 -3.28
C ALA B 92 -3.14 13.09 -4.41
N LEU B 93 -4.07 13.77 -5.09
CA LEU B 93 -4.73 13.16 -6.24
C LEU B 93 -3.81 13.16 -7.46
N THR B 94 -3.41 14.36 -7.90
CA THR B 94 -2.69 14.49 -9.17
C THR B 94 -1.46 13.58 -9.24
N SER B 95 -0.77 13.41 -8.12
CA SER B 95 0.49 12.66 -8.08
C SER B 95 0.28 11.19 -7.83
N THR B 96 -0.97 10.73 -7.88
CA THR B 96 -1.31 9.35 -7.60
C THR B 96 -1.96 8.65 -8.78
N PHE B 97 -2.72 9.40 -9.62
CA PHE B 97 -3.32 8.89 -10.84
C PHE B 97 -3.02 9.81 -12.01
N SER B 98 -2.94 9.21 -13.20
CA SER B 98 -2.92 9.99 -14.43
C SER B 98 -3.93 11.12 -14.34
N PHE B 99 -5.20 10.79 -14.11
CA PHE B 99 -6.27 11.77 -14.02
C PHE B 99 -7.26 11.39 -12.93
N THR B 100 -7.91 12.40 -12.40
CA THR B 100 -8.94 12.23 -11.39
C THR B 100 -10.11 13.08 -11.82
N TYR B 101 -11.32 12.53 -11.77
CA TYR B 101 -12.45 13.28 -12.32
C TYR B 101 -13.75 12.90 -11.61
N LEU B 102 -14.74 13.74 -11.81
CA LEU B 102 -16.11 13.53 -11.35
C LEU B 102 -17.03 13.56 -12.57
N GLY B 103 -17.68 12.44 -12.85
CA GLY B 103 -18.80 12.40 -13.79
C GLY B 103 -20.11 12.47 -13.04
N GLN B 104 -20.96 13.43 -13.41
CA GLN B 104 -22.20 13.65 -12.68
C GLN B 104 -23.39 13.03 -13.40
N GLN B 105 -24.49 12.88 -12.66
CA GLN B 105 -25.65 12.16 -13.19
C GLN B 105 -26.33 12.91 -14.33
N ASP B 106 -26.08 14.22 -14.45
CA ASP B 106 -26.56 14.99 -15.58
C ASP B 106 -25.52 15.08 -16.69
N GLY B 107 -24.46 14.30 -16.61
CA GLY B 107 -23.45 14.26 -17.64
C GLY B 107 -22.35 15.29 -17.53
N VAL B 108 -22.47 16.27 -16.64
CA VAL B 108 -21.41 17.26 -16.48
C VAL B 108 -20.15 16.57 -16.02
N PHE B 109 -19.02 16.94 -16.60
CA PHE B 109 -17.74 16.27 -16.38
C PHE B 109 -16.68 17.28 -15.95
N THR B 110 -15.90 16.95 -14.91
CA THR B 110 -14.75 17.73 -14.47
C THR B 110 -13.56 16.79 -14.22
N MET B 111 -12.42 17.07 -14.89
CA MET B 111 -11.20 16.27 -14.77
C MET B 111 -10.00 17.14 -14.40
N ARG B 112 -8.97 16.50 -13.82
CA ARG B 112 -7.69 17.12 -13.45
C ARG B 112 -6.54 16.14 -13.56
N PRO B 113 -5.39 16.46 -14.13
CA PRO B 113 -5.21 17.71 -14.83
C PRO B 113 -5.99 17.86 -16.15
N ASP B 114 -5.99 19.07 -16.67
CA ASP B 114 -6.65 19.40 -17.95
C ASP B 114 -6.25 18.46 -19.08
N SER B 115 -7.18 18.21 -19.97
CA SER B 115 -6.92 17.34 -21.11
C SER B 115 -7.79 17.79 -22.25
N PRO B 116 -7.24 17.87 -23.46
CA PRO B 116 -8.07 18.11 -24.60
C PRO B 116 -9.15 17.02 -24.58
N MET B 117 -10.43 17.35 -24.84
CA MET B 117 -11.55 16.41 -24.74
C MET B 117 -12.12 16.02 -26.11
N PRO B 118 -12.47 14.74 -26.28
CA PRO B 118 -13.16 14.30 -27.51
C PRO B 118 -14.62 14.75 -27.56
N ALA B 119 -15.10 14.91 -28.79
CA ALA B 119 -16.47 15.36 -28.99
C ALA B 119 -17.47 14.26 -28.61
N GLY B 120 -18.66 14.69 -28.20
CA GLY B 120 -19.72 13.80 -27.78
C GLY B 120 -19.46 12.93 -26.56
N TYR B 121 -18.46 13.27 -25.77
CA TYR B 121 -18.14 12.52 -24.57
C TYR B 121 -19.26 12.62 -23.54
N ASP B 122 -19.61 11.48 -22.94
CA ASP B 122 -20.61 11.39 -21.87
C ASP B 122 -20.13 10.42 -20.79
N PRO B 123 -19.71 10.90 -19.62
CA PRO B 123 -19.16 9.96 -18.61
C PRO B 123 -20.13 8.84 -18.25
N ARG B 124 -21.43 9.12 -18.29
CA ARG B 124 -22.41 8.10 -17.95
C ARG B 124 -22.34 6.89 -18.86
N SER B 125 -21.76 7.01 -20.07
CA SER B 125 -21.66 5.87 -20.98
C SER B 125 -20.49 4.96 -20.67
N ARG B 126 -19.56 5.39 -19.82
CA ARG B 126 -18.19 4.87 -19.70
C ARG B 126 -18.09 3.69 -18.74
N PRO B 127 -17.10 2.82 -18.94
CA PRO B 127 -17.02 1.59 -18.11
C PRO B 127 -16.78 1.84 -16.64
N TRP B 128 -15.98 2.86 -16.27
CA TRP B 128 -15.83 3.17 -14.85
C TRP B 128 -17.16 3.61 -14.24
N TYR B 129 -17.96 4.36 -15.00
CA TYR B 129 -19.24 4.81 -14.48
C TYR B 129 -20.19 3.64 -14.30
N LYS B 130 -20.36 2.82 -15.34
CA LYS B 130 -21.31 1.71 -15.24
C LYS B 130 -20.87 0.73 -14.18
N ASP B 131 -19.58 0.41 -14.15
CA ASP B 131 -19.06 -0.51 -13.14
C ASP B 131 -19.38 -0.01 -11.74
N ALA B 132 -19.15 1.28 -11.48
CA ALA B 132 -19.33 1.81 -10.15
C ALA B 132 -20.81 1.76 -9.73
N VAL B 133 -21.71 2.16 -10.63
CA VAL B 133 -23.13 2.12 -10.29
C VAL B 133 -23.56 0.69 -10.00
N ALA B 134 -23.08 -0.25 -10.81
CA ALA B 134 -23.39 -1.67 -10.60
C ALA B 134 -22.87 -2.15 -9.25
N ALA B 135 -21.63 -1.85 -8.93
CA ALA B 135 -21.06 -2.26 -7.65
C ALA B 135 -21.74 -1.58 -6.45
N GLY B 136 -22.37 -0.42 -6.65
CA GLY B 136 -22.88 0.34 -5.52
C GLY B 136 -21.81 0.72 -4.53
N GLY B 137 -20.58 0.91 -5.00
CA GLY B 137 -19.43 1.11 -4.13
C GLY B 137 -18.15 1.06 -4.97
N LEU B 138 -17.05 0.79 -4.28
CA LEU B 138 -15.72 0.75 -4.89
C LEU B 138 -15.55 -0.39 -5.87
N THR B 139 -14.95 -0.08 -7.01
CA THR B 139 -14.62 -1.10 -7.97
C THR B 139 -13.34 -0.71 -8.72
N LEU B 140 -12.85 -1.69 -9.48
CA LEU B 140 -11.71 -1.52 -10.36
C LEU B 140 -12.16 -1.98 -11.73
N THR B 141 -12.05 -1.11 -12.73
CA THR B 141 -12.34 -1.58 -14.07
C THR B 141 -11.29 -2.57 -14.52
N GLU B 142 -11.71 -3.58 -15.25
CA GLU B 142 -10.79 -4.19 -16.21
C GLU B 142 -10.32 -3.10 -17.18
N PRO B 143 -9.26 -3.35 -17.92
CA PRO B 143 -8.72 -2.30 -18.78
C PRO B 143 -9.63 -2.07 -19.98
N TYR B 144 -9.82 -0.78 -20.29
CA TYR B 144 -10.69 -0.33 -21.36
C TYR B 144 -9.94 0.74 -22.15
N VAL B 145 -10.43 1.04 -23.34
CA VAL B 145 -9.75 2.02 -24.19
C VAL B 145 -10.10 3.43 -23.74
N ASP B 146 -9.08 4.21 -23.38
CA ASP B 146 -9.31 5.55 -22.87
C ASP B 146 -9.98 6.38 -23.96
N ALA B 147 -11.04 7.11 -23.60
CA ALA B 147 -11.74 7.91 -24.60
C ALA B 147 -10.87 9.03 -25.16
N ALA B 148 -9.81 9.44 -24.47
CA ALA B 148 -8.97 10.52 -24.98
C ALA B 148 -7.77 9.99 -25.77
N THR B 149 -6.93 9.16 -25.14
CA THR B 149 -5.69 8.71 -25.71
C THR B 149 -5.83 7.46 -26.57
N GLN B 150 -6.98 6.79 -26.49
CA GLN B 150 -7.20 5.50 -27.15
C GLN B 150 -6.19 4.43 -26.71
N GLU B 151 -5.46 4.67 -25.62
CA GLU B 151 -4.65 3.66 -24.97
C GLU B 151 -5.46 2.95 -23.88
N LEU B 152 -5.00 1.78 -23.47
CA LEU B 152 -5.69 1.05 -22.41
C LEU B 152 -5.30 1.59 -21.04
N ILE B 153 -6.29 1.68 -20.15
CA ILE B 153 -6.08 2.01 -18.75
C ILE B 153 -6.97 1.14 -17.88
N ILE B 154 -6.75 1.28 -16.58
CA ILE B 154 -7.62 0.76 -15.54
C ILE B 154 -8.04 1.94 -14.67
N THR B 155 -9.30 1.93 -14.23
CA THR B 155 -9.86 3.00 -13.43
C THR B 155 -10.42 2.44 -12.13
N ALA B 156 -10.05 3.07 -11.03
CA ALA B 156 -10.70 2.83 -9.74
C ALA B 156 -11.77 3.89 -9.56
N ALA B 157 -13.01 3.46 -9.32
CA ALA B 157 -14.10 4.41 -9.21
C ALA B 157 -15.07 4.02 -8.09
N THR B 158 -15.92 4.96 -7.72
CA THR B 158 -17.01 4.72 -6.77
C THR B 158 -18.10 5.76 -6.98
N PRO B 159 -19.34 5.45 -6.61
CA PRO B 159 -20.42 6.41 -6.78
C PRO B 159 -20.41 7.45 -5.68
N VAL B 160 -20.74 8.68 -6.04
CA VAL B 160 -21.01 9.75 -5.08
C VAL B 160 -22.51 9.67 -4.76
N LYS B 161 -22.84 9.49 -3.48
CA LYS B 161 -24.23 9.16 -3.14
C LYS B 161 -24.65 9.94 -1.91
N ALA B 162 -25.80 10.60 -1.98
CA ALA B 162 -26.32 11.41 -0.88
C ALA B 162 -27.83 11.31 -0.82
N ALA B 163 -28.36 10.78 0.30
CA ALA B 163 -29.81 10.77 0.51
C ALA B 163 -30.50 9.87 -0.52
N GLY B 164 -29.97 8.65 -0.67
CA GLY B 164 -30.46 7.71 -1.66
C GLY B 164 -30.49 8.25 -3.07
N ASN B 165 -29.56 9.16 -3.40
CA ASN B 165 -29.41 9.68 -4.75
C ASN B 165 -27.96 9.55 -5.17
N THR B 166 -27.75 9.00 -6.37
CA THR B 166 -26.45 8.97 -7.00
C THR B 166 -26.20 10.31 -7.67
N LEU B 167 -25.25 11.07 -7.15
CA LEU B 167 -24.91 12.36 -7.73
C LEU B 167 -23.96 12.24 -8.93
N GLY B 168 -23.33 11.08 -9.10
CA GLY B 168 -22.24 10.96 -10.04
C GLY B 168 -21.31 9.84 -9.59
N VAL B 169 -20.16 9.75 -10.27
CA VAL B 169 -19.12 8.77 -9.99
C VAL B 169 -17.78 9.47 -10.00
N VAL B 170 -16.91 9.12 -9.04
CA VAL B 170 -15.52 9.56 -9.04
C VAL B 170 -14.67 8.44 -9.62
N GLY B 171 -13.69 8.79 -10.45
CA GLY B 171 -12.77 7.79 -10.99
C GLY B 171 -11.34 8.31 -10.96
N GLY B 172 -10.41 7.36 -10.81
CA GLY B 172 -8.99 7.65 -10.84
C GLY B 172 -8.28 6.72 -11.80
N ASP B 173 -7.49 7.26 -12.72
CA ASP B 173 -6.87 6.44 -13.77
C ASP B 173 -5.48 5.96 -13.34
N LEU B 174 -5.24 4.68 -13.58
CA LEU B 174 -3.93 4.06 -13.26
C LEU B 174 -3.38 3.39 -14.52
N SER B 175 -2.08 3.55 -14.79
CA SER B 175 -1.43 2.96 -16.00
C SER B 175 -1.08 1.49 -15.86
N LEU B 176 -1.36 0.72 -16.90
CA LEU B 176 -1.05 -0.72 -16.92
C LEU B 176 0.47 -0.83 -16.76
N LYS B 177 1.22 -0.19 -17.65
CA LYS B 177 2.66 -0.37 -17.51
C LYS B 177 3.13 -0.02 -16.10
N THR B 178 2.55 1.02 -15.50
CA THR B 178 2.88 1.32 -14.10
C THR B 178 2.62 0.13 -13.19
N LEU B 179 1.69 -0.77 -13.53
CA LEU B 179 1.40 -1.96 -12.73
C LEU B 179 2.21 -3.18 -13.15
N VAL B 180 2.46 -3.36 -14.45
CA VAL B 180 3.43 -4.37 -14.85
C VAL B 180 4.73 -4.21 -14.05
N GLN B 181 5.16 -2.96 -13.83
CA GLN B 181 6.38 -2.71 -13.09
C GLN B 181 6.26 -3.16 -11.65
N ILE B 182 5.14 -2.83 -10.99
CA ILE B 182 5.04 -3.15 -9.57
C ILE B 182 5.14 -4.65 -9.37
N ILE B 183 4.54 -5.39 -10.31
CA ILE B 183 4.45 -6.87 -10.15
C ILE B 183 5.74 -7.53 -10.59
N ASN B 184 6.29 -7.09 -11.71
CA ASN B 184 7.54 -7.69 -12.24
C ASN B 184 8.69 -6.94 -11.57
N SER B 185 8.54 -6.63 -10.31
CA SER B 185 9.54 -5.86 -9.53
C SER B 185 10.74 -6.72 -9.16
N LEU B 186 10.50 -8.03 -8.98
CA LEU B 186 11.52 -9.05 -8.65
C LEU B 186 11.99 -9.71 -9.93
N ASP B 187 13.07 -10.47 -9.89
CA ASP B 187 13.51 -11.18 -11.12
C ASP B 187 12.94 -12.59 -11.07
N SER B 189 14.04 -15.05 -9.30
CA SER B 189 15.51 -15.29 -9.39
C SER B 189 16.07 -15.21 -10.83
N GLY B 190 15.26 -14.96 -11.85
CA GLY B 190 15.80 -14.85 -13.23
C GLY B 190 15.13 -15.83 -14.18
N MET B 191 14.29 -16.71 -13.62
CA MET B 191 13.60 -17.77 -14.39
C MET B 191 12.39 -17.23 -15.15
N GLY B 192 11.53 -16.44 -14.52
CA GLY B 192 10.36 -15.94 -15.26
C GLY B 192 9.81 -14.61 -14.77
N TYR B 193 8.66 -14.25 -15.34
CA TYR B 193 7.94 -12.98 -15.09
C TYR B 193 6.56 -13.20 -14.46
N ALA B 194 5.93 -12.12 -13.98
CA ALA B 194 4.60 -12.10 -13.34
C ALA B 194 3.61 -11.28 -14.16
N PHE B 195 2.31 -11.47 -13.97
CA PHE B 195 1.25 -10.77 -14.66
C PHE B 195 -0.07 -10.95 -13.91
N LEU B 196 -1.12 -10.27 -14.39
CA LEU B 196 -2.43 -10.23 -13.72
C LEU B 196 -3.49 -10.83 -14.62
N VAL B 197 -4.37 -11.64 -14.04
CA VAL B 197 -5.44 -12.30 -14.77
C VAL B 197 -6.69 -12.28 -13.92
N SER B 198 -7.85 -12.29 -14.60
CA SER B 198 -9.16 -12.35 -13.91
C SER B 198 -9.50 -13.78 -13.55
N GLY B 199 -10.44 -13.98 -12.64
CA GLY B 199 -10.91 -15.34 -12.35
C GLY B 199 -11.63 -15.96 -13.54
N ASP B 200 -11.75 -15.23 -14.65
CA ASP B 200 -12.41 -15.76 -15.88
C ASP B 200 -11.36 -15.88 -17.00
N GLY B 201 -10.09 -15.71 -16.70
CA GLY B 201 -9.06 -16.00 -17.70
C GLY B 201 -8.68 -14.85 -18.57
N LYS B 202 -9.31 -13.71 -18.34
CA LYS B 202 -8.95 -12.51 -19.11
C LYS B 202 -7.65 -11.96 -18.57
N ILE B 203 -6.67 -11.82 -19.45
CA ILE B 203 -5.38 -11.29 -19.01
C ILE B 203 -5.47 -9.77 -18.94
N LEU B 204 -5.24 -9.22 -17.75
CA LEU B 204 -5.48 -7.81 -17.48
C LEU B 204 -4.23 -6.96 -17.60
N VAL B 205 -3.13 -7.41 -17.03
CA VAL B 205 -1.85 -6.72 -17.13
C VAL B 205 -0.81 -7.76 -17.53
N HIS B 206 0.30 -7.29 -18.08
CA HIS B 206 1.28 -8.23 -18.58
C HIS B 206 2.58 -7.53 -18.96
N PRO B 207 3.72 -8.21 -18.91
CA PRO B 207 4.96 -7.62 -19.45
C PRO B 207 5.00 -7.70 -20.97
N ASP B 208 4.33 -8.71 -21.53
CA ASP B 208 4.25 -8.90 -22.97
C ASP B 208 3.06 -8.11 -23.47
N LYS B 209 3.32 -6.94 -24.04
CA LYS B 209 2.24 -6.03 -24.49
C LYS B 209 1.20 -6.69 -25.38
N GLU B 210 1.52 -7.81 -26.00
CA GLU B 210 0.47 -8.38 -26.86
C GLU B 210 -0.50 -9.21 -26.03
N GLN B 211 -0.03 -9.73 -24.90
CA GLN B 211 -0.85 -10.63 -24.12
C GLN B 211 -2.09 -9.93 -23.60
N VAL B 212 -1.98 -8.61 -23.34
CA VAL B 212 -3.04 -7.91 -22.63
C VAL B 212 -4.39 -8.22 -23.25
N MET B 213 -5.39 -8.36 -22.38
CA MET B 213 -6.77 -8.53 -22.78
C MET B 213 -6.93 -9.63 -23.83
N LYS B 214 -6.22 -10.73 -23.62
CA LYS B 214 -6.55 -12.00 -24.25
C LYS B 214 -6.81 -13.01 -23.14
N THR B 215 -7.70 -13.95 -23.44
CA THR B 215 -8.00 -15.06 -22.55
C THR B 215 -6.79 -15.99 -22.43
N LEU B 216 -6.86 -16.89 -21.45
CA LEU B 216 -5.80 -17.89 -21.25
C LEU B 216 -5.85 -18.93 -22.35
N SER B 217 -7.05 -19.32 -22.76
CA SER B 217 -7.29 -20.29 -23.82
C SER B 217 -6.81 -19.80 -25.19
N GLU B 218 -6.46 -18.52 -25.31
CA GLU B 218 -5.91 -17.98 -26.54
C GLU B 218 -4.41 -17.78 -26.47
N VAL B 219 -3.82 -17.87 -25.28
CA VAL B 219 -2.38 -17.97 -25.16
C VAL B 219 -1.93 -19.40 -24.89
N TYR B 220 -2.78 -20.23 -24.28
CA TYR B 220 -2.47 -21.63 -23.95
C TYR B 220 -3.65 -22.50 -24.35
N PRO B 221 -3.84 -22.77 -25.67
CA PRO B 221 -5.02 -23.52 -26.16
C PRO B 221 -5.01 -25.00 -25.84
N GLN B 222 -3.82 -25.57 -25.70
CA GLN B 222 -3.74 -26.99 -25.30
C GLN B 222 -3.27 -27.02 -23.86
N ASN B 223 -3.81 -27.95 -23.07
CA ASN B 223 -3.47 -27.95 -21.64
C ASN B 223 -3.68 -26.53 -21.11
N THR B 224 -4.89 -25.99 -21.33
CA THR B 224 -5.20 -24.60 -20.88
C THR B 224 -5.16 -24.58 -19.35
N PRO B 225 -4.30 -23.77 -18.72
CA PRO B 225 -4.12 -23.83 -17.28
C PRO B 225 -5.34 -23.45 -16.43
N LYS B 226 -5.76 -24.33 -15.53
CA LYS B 226 -6.88 -23.97 -14.66
C LYS B 226 -6.45 -22.89 -13.67
N ILE B 227 -7.30 -21.86 -13.54
CA ILE B 227 -7.03 -20.76 -12.57
C ILE B 227 -7.58 -21.27 -11.26
N ALA B 228 -6.81 -22.16 -10.65
CA ALA B 228 -7.21 -22.68 -9.33
C ALA B 228 -5.99 -22.69 -8.44
N THR B 229 -6.06 -23.48 -7.38
CA THR B 229 -4.89 -23.60 -6.49
C THR B 229 -3.92 -24.54 -7.16
N GLY B 230 -2.67 -24.53 -6.74
CA GLY B 230 -1.72 -25.50 -7.28
C GLY B 230 -0.85 -24.93 -8.34
N PHE B 231 -0.21 -25.81 -9.09
CA PHE B 231 0.71 -25.34 -10.14
C PHE B 231 0.25 -25.97 -11.46
N SER B 232 0.85 -25.58 -12.57
CA SER B 232 0.42 -25.99 -13.90
C SER B 232 1.60 -25.92 -14.87
N GLU B 233 1.54 -26.74 -15.91
CA GLU B 233 2.57 -26.82 -16.93
C GLU B 233 1.98 -26.48 -18.30
N ALA B 234 2.74 -25.75 -19.11
CA ALA B 234 2.28 -25.34 -20.43
C ALA B 234 3.48 -24.83 -21.23
N GLU B 235 3.28 -24.73 -22.56
CA GLU B 235 4.34 -24.38 -23.52
C GLU B 235 3.97 -23.09 -24.23
N LEU B 236 4.79 -22.04 -24.01
CA LEU B 236 4.56 -20.71 -24.54
C LEU B 236 5.74 -20.33 -25.43
N HIS B 237 5.49 -20.15 -26.74
CA HIS B 237 6.57 -19.82 -27.66
C HIS B 237 7.52 -20.99 -27.91
N GLY B 238 7.17 -22.18 -27.44
CA GLY B 238 7.95 -23.40 -27.65
C GLY B 238 8.67 -23.91 -26.42
N HIS B 239 8.66 -23.16 -25.32
CA HIS B 239 9.33 -23.51 -24.08
C HIS B 239 8.31 -23.98 -23.04
N THR B 240 8.75 -24.86 -22.14
CA THR B 240 7.89 -25.35 -21.08
C THR B 240 7.98 -24.42 -19.87
N ARG B 241 6.80 -24.00 -19.38
CA ARG B 241 6.70 -23.00 -18.33
C ARG B 241 5.71 -23.47 -17.26
N ILE B 242 6.09 -23.26 -16.00
CA ILE B 242 5.20 -23.48 -14.87
C ILE B 242 4.33 -22.24 -14.67
N LEU B 243 3.10 -22.43 -14.21
CA LEU B 243 2.17 -21.33 -13.98
C LEU B 243 1.48 -21.50 -12.62
N ALA B 244 1.56 -20.46 -11.78
CA ALA B 244 0.99 -20.48 -10.43
C ALA B 244 0.17 -19.22 -10.20
N PHE B 245 -0.94 -19.37 -9.47
CA PHE B 245 -1.90 -18.30 -9.25
C PHE B 245 -2.04 -17.99 -7.76
N THR B 246 -2.14 -16.71 -7.43
CA THR B 246 -2.32 -16.28 -6.07
C THR B 246 -3.46 -15.27 -6.04
N PRO B 247 -4.42 -15.42 -5.14
CA PRO B 247 -5.48 -14.42 -5.04
C PRO B 247 -4.94 -13.11 -4.48
N ILE B 248 -5.41 -12.01 -5.06
CA ILE B 248 -5.10 -10.69 -4.55
C ILE B 248 -6.20 -10.32 -3.56
N LYS B 249 -5.89 -10.34 -2.26
CA LYS B 249 -6.89 -10.01 -1.28
C LYS B 249 -7.27 -8.53 -1.40
N GLY B 250 -8.48 -8.21 -0.94
CA GLY B 250 -8.85 -6.82 -0.69
C GLY B 250 -9.07 -5.93 -1.91
N LEU B 251 -9.35 -6.49 -3.08
CA LEU B 251 -9.73 -5.70 -4.23
C LEU B 251 -11.25 -5.61 -4.28
N PRO B 252 -11.85 -4.43 -4.26
CA PRO B 252 -13.32 -4.37 -4.16
C PRO B 252 -13.99 -4.78 -5.46
N SER B 253 -15.01 -5.65 -5.32
CA SER B 253 -15.97 -5.97 -6.38
C SER B 253 -15.36 -6.73 -7.56
N VAL B 254 -14.13 -7.21 -7.47
CA VAL B 254 -13.52 -7.99 -8.53
C VAL B 254 -12.73 -9.14 -7.93
N THR B 255 -12.37 -10.09 -8.79
CA THR B 255 -11.65 -11.29 -8.38
C THR B 255 -10.46 -11.42 -9.32
N TRP B 256 -9.30 -10.95 -8.88
CA TRP B 256 -8.10 -10.91 -9.71
C TRP B 256 -7.01 -11.78 -9.10
N TYR B 257 -6.17 -12.34 -9.95
CA TYR B 257 -5.13 -13.26 -9.54
C TYR B 257 -3.75 -12.75 -9.98
N LEU B 258 -2.78 -12.86 -9.08
CA LEU B 258 -1.38 -12.79 -9.49
C LEU B 258 -0.97 -14.07 -10.20
N ALA B 259 -0.34 -13.95 -11.36
CA ALA B 259 0.12 -15.10 -12.10
C ALA B 259 1.65 -15.07 -12.21
N LEU B 260 2.29 -16.16 -11.81
CA LEU B 260 3.72 -16.35 -12.01
C LEU B 260 3.94 -17.32 -13.16
N SER B 261 4.87 -16.99 -14.05
CA SER B 261 5.22 -17.82 -15.20
C SER B 261 6.72 -18.08 -15.17
N ILE B 262 7.11 -19.35 -14.99
CA ILE B 262 8.51 -19.76 -14.89
C ILE B 262 8.86 -20.66 -16.07
N ASP B 263 10.12 -20.60 -16.49
CA ASP B 263 10.68 -21.62 -17.38
C ASP B 263 11.06 -22.83 -16.54
N LYS B 264 10.38 -23.97 -16.74
CA LYS B 264 10.67 -25.14 -15.90
C LYS B 264 12.10 -25.62 -16.09
N ASP B 265 12.62 -25.55 -17.33
CA ASP B 265 13.99 -25.97 -17.59
C ASP B 265 14.97 -25.16 -16.75
N LYS B 266 14.95 -23.84 -16.92
CA LYS B 266 15.85 -22.97 -16.14
C LYS B 266 15.62 -23.12 -14.64
N ALA B 267 14.38 -23.35 -14.22
CA ALA B 267 14.06 -23.40 -12.78
C ALA B 267 14.65 -24.65 -12.13
N TYR B 268 14.48 -25.81 -12.75
CA TYR B 268 15.01 -27.04 -12.17
C TYR B 268 16.54 -27.06 -12.20
N ALA B 269 17.16 -26.38 -13.16
CA ALA B 269 18.62 -26.31 -13.24
C ALA B 269 19.21 -25.18 -12.40
#